data_2NQ3
#
_entry.id   2NQ3
#
_cell.length_a   82.499
_cell.length_b   82.499
_cell.length_c   65.273
_cell.angle_alpha   90.00
_cell.angle_beta   90.00
_cell.angle_gamma   120.00
#
_symmetry.space_group_name_H-M   'P 32 2 1'
#
loop_
_entity.id
_entity.type
_entity.pdbx_description
1 polymer 'Itchy homolog E3 ubiquitin protein ligase'
2 non-polymer 'CHLORIDE ION'
3 water water
#
_entity_poly.entity_id   1
_entity_poly.type   'polypeptide(L)'
_entity_poly.pdbx_seq_one_letter_code
;MHHHHHHSSGRENLYFQGMSDSGSQLGSMGSLTMKSQLQITVISAKLKENKKNWFGPSPYVEVTVDGQSKKTEKCNNTNS
PKWKQPLTVIVTPVSKLHFRVWSHQTLKSDVLLGTAALDIYETLKSNNMKLEEVVVTLQLGGDKEPTETIGDLSICLDGL
QLESEVVTNGETT
;
_entity_poly.pdbx_strand_id   A
#
loop_
_chem_comp.id
_chem_comp.type
_chem_comp.name
_chem_comp.formula
CL non-polymer 'CHLORIDE ION' 'Cl -1'
#
# COMPACT_ATOMS: atom_id res chain seq x y z
N SER A 31 3.85 -23.70 -9.10
CA SER A 31 3.41 -23.63 -7.65
C SER A 31 3.77 -22.29 -7.05
N LEU A 32 5.04 -21.91 -7.14
CA LEU A 32 5.43 -20.52 -6.87
C LEU A 32 5.15 -19.64 -8.08
N THR A 33 4.73 -20.23 -9.21
CA THR A 33 4.40 -19.41 -10.39
C THR A 33 2.90 -19.27 -10.61
N MET A 34 2.10 -20.03 -9.88
CA MET A 34 0.65 -19.90 -9.97
C MET A 34 0.23 -18.52 -9.47
N LYS A 35 -0.71 -17.91 -10.18
CA LYS A 35 -1.13 -16.55 -9.85
C LYS A 35 -2.42 -16.56 -9.05
N SER A 36 -2.64 -15.48 -8.29
CA SER A 36 -3.92 -15.32 -7.59
C SER A 36 -4.31 -13.86 -7.75
N GLN A 37 -5.60 -13.63 -7.90
CA GLN A 37 -6.08 -12.25 -7.92
C GLN A 37 -6.29 -11.90 -6.44
N LEU A 38 -5.30 -11.23 -5.86
CA LEU A 38 -5.28 -10.91 -4.44
C LEU A 38 -6.11 -9.65 -4.22
N GLN A 39 -6.98 -9.64 -3.21
N GLN A 39 -6.90 -9.65 -3.14
CA GLN A 39 -7.61 -8.38 -2.85
CA GLN A 39 -7.70 -8.48 -2.73
C GLN A 39 -6.77 -7.73 -1.77
C GLN A 39 -6.91 -7.68 -1.67
N ILE A 40 -6.49 -6.46 -1.98
CA ILE A 40 -5.76 -5.63 -1.00
C ILE A 40 -6.74 -4.51 -0.66
N THR A 41 -7.21 -4.44 0.57
CA THR A 41 -8.01 -3.29 0.93
C THR A 41 -7.04 -2.29 1.51
N VAL A 42 -7.02 -1.08 0.94
CA VAL A 42 -6.15 -0.08 1.51
C VAL A 42 -6.94 0.63 2.59
N ILE A 43 -6.54 0.48 3.85
CA ILE A 43 -7.48 0.89 4.93
C ILE A 43 -7.33 2.36 5.25
N SER A 44 -6.13 2.75 5.66
CA SER A 44 -5.92 4.09 6.25
C SER A 44 -4.42 4.29 6.38
N ALA A 45 -4.06 5.54 6.61
CA ALA A 45 -2.67 5.87 6.91
C ALA A 45 -2.66 6.94 7.99
N LYS A 46 -1.54 7.01 8.71
CA LYS A 46 -1.30 8.11 9.66
C LYS A 46 -0.04 8.83 9.15
N LEU A 47 -0.17 10.10 8.78
CA LEU A 47 0.97 10.80 8.21
C LEU A 47 1.44 11.84 9.20
N LYS A 48 2.75 11.90 9.42
CA LYS A 48 3.29 12.87 10.39
C LYS A 48 3.02 14.27 9.86
N GLU A 49 2.60 15.17 10.72
CA GLU A 49 2.23 16.49 10.29
C GLU A 49 3.46 17.24 9.78
N ASN A 50 3.28 17.98 8.68
CA ASN A 50 4.31 18.86 8.12
C ASN A 50 3.96 20.31 8.48
N LYS A 51 4.88 21.00 9.15
CA LYS A 51 4.69 22.39 9.58
C LYS A 51 5.21 23.36 8.53
N TRP A 54 0.33 24.63 5.94
CA TRP A 54 -0.85 24.73 6.80
C TRP A 54 -1.89 23.68 6.46
N PHE A 55 -2.25 23.61 5.19
CA PHE A 55 -3.29 22.71 4.79
C PHE A 55 -2.54 21.37 4.66
N GLY A 56 -3.24 20.28 4.90
CA GLY A 56 -2.56 18.99 4.82
C GLY A 56 -2.49 18.48 3.40
N PRO A 57 -1.96 17.27 3.23
CA PRO A 57 -1.90 16.69 1.90
C PRO A 57 -3.28 16.12 1.53
N SER A 58 -3.46 15.70 0.28
CA SER A 58 -4.70 15.05 -0.17
C SER A 58 -4.25 13.67 -0.73
N PRO A 59 -4.05 12.71 0.17
CA PRO A 59 -3.35 11.50 -0.18
C PRO A 59 -4.14 10.38 -0.86
N TYR A 60 -3.49 9.62 -1.73
CA TYR A 60 -4.04 8.36 -2.20
C TYR A 60 -2.85 7.40 -2.25
N VAL A 61 -3.15 6.13 -2.42
CA VAL A 61 -2.09 5.11 -2.40
C VAL A 61 -1.99 4.44 -3.76
N GLU A 62 -0.77 4.19 -4.23
CA GLU A 62 -0.60 3.43 -5.46
C GLU A 62 0.11 2.14 -5.04
N VAL A 63 -0.44 1.00 -5.47
CA VAL A 63 0.23 -0.28 -5.27
C VAL A 63 0.80 -0.68 -6.61
N THR A 64 2.09 -1.07 -6.64
CA THR A 64 2.68 -1.61 -7.87
C THR A 64 3.27 -2.98 -7.58
N VAL A 65 3.12 -3.89 -8.53
CA VAL A 65 3.65 -5.26 -8.41
C VAL A 65 3.53 -5.90 -9.76
N ASP A 66 4.58 -6.61 -10.19
CA ASP A 66 4.47 -7.51 -11.37
C ASP A 66 3.77 -6.82 -12.56
N GLY A 67 4.27 -5.63 -12.95
CA GLY A 67 3.81 -4.97 -14.20
C GLY A 67 2.55 -4.14 -14.03
N GLN A 68 1.99 -4.19 -12.83
CA GLN A 68 0.67 -3.58 -12.57
C GLN A 68 0.76 -2.38 -11.66
N SER A 69 -0.24 -1.51 -11.78
CA SER A 69 -0.36 -0.34 -10.93
C SER A 69 -1.81 -0.10 -10.65
N LYS A 70 -2.16 -0.05 -9.36
CA LYS A 70 -3.55 0.25 -8.96
C LYS A 70 -3.53 1.40 -7.94
N LYS A 71 -4.46 2.35 -8.06
CA LYS A 71 -4.46 3.53 -7.20
C LYS A 71 -5.80 3.64 -6.50
N THR A 72 -5.77 3.99 -5.23
CA THR A 72 -7.02 4.33 -4.53
C THR A 72 -7.42 5.71 -5.01
N GLU A 73 -8.64 6.12 -4.61
CA GLU A 73 -9.05 7.52 -4.77
C GLU A 73 -8.41 8.32 -3.64
N LYS A 74 -8.46 9.65 -3.73
CA LYS A 74 -7.83 10.44 -2.67
C LYS A 74 -8.77 10.80 -1.49
N CYS A 75 -8.15 11.17 -0.36
CA CYS A 75 -8.84 11.84 0.73
C CYS A 75 -8.34 13.30 0.71
N ASN A 76 -9.20 14.25 1.01
CA ASN A 76 -8.79 15.65 0.88
C ASN A 76 -8.30 16.24 2.21
N ASN A 77 -7.16 16.94 2.15
N ASN A 77 -7.21 17.02 2.17
CA ASN A 77 -6.67 17.78 3.27
CA ASN A 77 -6.76 17.82 3.34
C ASN A 77 -6.67 17.10 4.64
C ASN A 77 -6.79 17.02 4.65
N THR A 78 -5.99 15.95 4.70
CA THR A 78 -5.92 15.15 5.91
C THR A 78 -4.64 14.37 6.07
N ASN A 79 -4.14 14.34 7.32
CA ASN A 79 -3.02 13.46 7.64
C ASN A 79 -3.47 12.13 8.20
N SER A 80 -4.79 11.93 8.27
CA SER A 80 -5.34 10.63 8.72
C SER A 80 -6.35 10.08 7.73
N PRO A 81 -5.92 9.85 6.47
CA PRO A 81 -6.87 9.41 5.42
C PRO A 81 -7.41 8.04 5.78
N LYS A 82 -8.71 7.84 5.55
CA LYS A 82 -9.34 6.54 5.68
C LYS A 82 -10.04 6.21 4.37
N TRP A 83 -9.42 5.34 3.60
CA TRP A 83 -9.95 5.01 2.28
C TRP A 83 -10.89 3.83 2.36
N LYS A 84 -10.48 2.81 3.13
CA LYS A 84 -11.21 1.55 3.20
C LYS A 84 -11.56 1.03 1.78
N GLN A 85 -10.58 1.07 0.89
CA GLN A 85 -10.88 0.81 -0.53
C GLN A 85 -10.27 -0.48 -1.06
N PRO A 86 -11.10 -1.43 -1.55
CA PRO A 86 -10.53 -2.68 -2.08
C PRO A 86 -9.96 -2.52 -3.52
N LEU A 87 -8.77 -3.05 -3.75
CA LEU A 87 -8.09 -3.07 -5.09
C LEU A 87 -7.72 -4.52 -5.31
N THR A 88 -7.46 -4.93 -6.56
CA THR A 88 -6.95 -6.30 -6.77
C THR A 88 -5.66 -6.19 -7.53
N VAL A 89 -4.77 -7.16 -7.35
CA VAL A 89 -3.58 -7.27 -8.18
C VAL A 89 -3.38 -8.77 -8.40
N ILE A 90 -2.69 -9.13 -9.48
N ILE A 90 -2.70 -9.10 -9.50
CA ILE A 90 -2.51 -10.53 -9.85
CA ILE A 90 -2.48 -10.47 -9.92
C ILE A 90 -1.07 -10.86 -9.57
C ILE A 90 -1.05 -10.77 -9.49
N VAL A 91 -0.88 -11.66 -8.52
CA VAL A 91 0.42 -11.90 -7.94
C VAL A 91 0.71 -13.38 -7.79
N THR A 92 1.96 -13.71 -7.50
CA THR A 92 2.36 -15.08 -7.14
C THR A 92 2.74 -15.09 -5.64
N PRO A 93 2.92 -16.30 -5.05
CA PRO A 93 3.33 -16.36 -3.64
C PRO A 93 4.64 -15.68 -3.31
N VAL A 94 5.46 -15.40 -4.32
CA VAL A 94 6.73 -14.71 -4.07
C VAL A 94 6.76 -13.26 -4.62
N SER A 95 5.60 -12.71 -4.96
CA SER A 95 5.57 -11.31 -5.47
C SER A 95 5.93 -10.35 -4.35
N LYS A 96 6.44 -9.18 -4.75
CA LYS A 96 6.74 -8.12 -3.78
C LYS A 96 5.89 -6.93 -4.12
N LEU A 97 5.14 -6.46 -3.14
CA LEU A 97 4.20 -5.36 -3.31
C LEU A 97 4.94 -4.09 -2.99
N HIS A 98 4.80 -3.08 -3.83
N HIS A 98 4.75 -3.05 -3.79
CA HIS A 98 5.29 -1.77 -3.47
CA HIS A 98 5.33 -1.75 -3.48
C HIS A 98 4.10 -0.87 -3.19
C HIS A 98 4.22 -0.72 -3.35
N PHE A 99 4.31 0.09 -2.29
CA PHE A 99 3.29 1.11 -2.00
C PHE A 99 3.90 2.53 -2.07
N ARG A 100 3.15 3.45 -2.64
CA ARG A 100 3.55 4.86 -2.67
C ARG A 100 2.37 5.61 -2.18
N VAL A 101 2.59 6.58 -1.32
CA VAL A 101 1.50 7.43 -0.88
C VAL A 101 1.79 8.77 -1.55
N TRP A 102 0.86 9.20 -2.39
CA TRP A 102 0.99 10.44 -3.20
C TRP A 102 0.00 11.46 -2.69
N SER A 103 0.35 12.76 -2.83
CA SER A 103 -0.61 13.80 -2.56
C SER A 103 -1.02 14.45 -3.91
N HIS A 104 -2.31 14.54 -4.13
CA HIS A 104 -2.77 15.00 -5.42
C HIS A 104 -2.63 16.50 -5.56
N GLN A 105 -2.23 16.95 -6.76
CA GLN A 105 -2.08 18.35 -7.15
C GLN A 105 -2.68 18.53 -8.52
N THR A 106 -3.35 19.65 -8.76
CA THR A 106 -3.92 19.86 -10.08
C THR A 106 -2.81 20.32 -11.02
N LEU A 107 -1.99 21.26 -10.57
CA LEU A 107 -1.22 22.04 -11.55
C LEU A 107 0.22 21.65 -11.73
N LYS A 108 0.67 20.59 -11.07
CA LYS A 108 1.99 20.00 -11.35
C LYS A 108 1.89 18.54 -11.00
N SER A 109 3.01 17.83 -11.07
N SER A 109 3.01 17.82 -11.08
CA SER A 109 3.08 16.44 -10.59
CA SER A 109 3.08 16.42 -10.63
C SER A 109 2.54 16.28 -9.18
C SER A 109 2.56 16.26 -9.20
N ASP A 110 1.88 15.15 -8.94
CA ASP A 110 1.54 14.76 -7.59
C ASP A 110 2.83 14.57 -6.80
N VAL A 111 2.75 14.82 -5.50
CA VAL A 111 3.95 14.73 -4.66
C VAL A 111 4.03 13.39 -3.99
N LEU A 112 5.19 12.74 -4.12
CA LEU A 112 5.41 11.46 -3.43
C LEU A 112 5.68 11.73 -1.95
N LEU A 113 4.76 11.31 -1.08
CA LEU A 113 4.99 11.50 0.35
C LEU A 113 5.88 10.41 0.96
N GLY A 114 5.65 9.16 0.61
CA GLY A 114 6.49 8.10 1.21
C GLY A 114 6.20 6.76 0.58
N THR A 115 7.01 5.77 0.93
CA THR A 115 6.90 4.46 0.29
C THR A 115 7.02 3.34 1.32
N ALA A 116 6.50 2.17 0.96
CA ALA A 116 6.75 0.97 1.75
C ALA A 116 6.73 -0.22 0.83
N ALA A 117 7.07 -1.41 1.35
CA ALA A 117 7.08 -2.60 0.51
C ALA A 117 6.69 -3.74 1.42
N LEU A 118 6.13 -4.78 0.81
CA LEU A 118 5.71 -5.96 1.58
C LEU A 118 5.92 -7.19 0.71
N ASP A 119 6.68 -8.17 1.23
CA ASP A 119 6.97 -9.40 0.51
C ASP A 119 5.80 -10.34 0.81
N ILE A 120 5.11 -10.77 -0.23
CA ILE A 120 3.95 -11.62 -0.07
C ILE A 120 4.41 -12.97 0.53
N TYR A 121 5.62 -13.41 0.20
CA TYR A 121 6.05 -14.73 0.71
C TYR A 121 6.27 -14.67 2.25
N GLU A 122 6.88 -13.59 2.71
CA GLU A 122 7.02 -13.41 4.17
C GLU A 122 5.66 -13.29 4.84
N THR A 123 4.71 -12.58 4.20
CA THR A 123 3.38 -12.45 4.76
C THR A 123 2.71 -13.83 4.86
N LEU A 124 2.83 -14.62 3.81
CA LEU A 124 2.31 -16.01 3.89
C LEU A 124 2.93 -16.77 5.07
N LYS A 125 4.23 -16.71 5.21
CA LYS A 125 4.91 -17.39 6.33
C LYS A 125 4.34 -16.99 7.68
N SER A 126 4.02 -15.72 7.83
CA SER A 126 3.55 -15.18 9.09
C SER A 126 2.14 -15.63 9.38
N ASN A 127 1.46 -16.21 8.38
CA ASN A 127 0.04 -16.50 8.55
C ASN A 127 -0.34 -17.90 8.08
N ASN A 128 0.51 -18.88 8.37
N ASN A 128 0.48 -18.90 8.39
CA ASN A 128 0.24 -20.30 8.07
CA ASN A 128 0.21 -20.30 8.04
C ASN A 128 -0.02 -20.58 6.58
C ASN A 128 -0.12 -20.51 6.56
N MET A 129 0.57 -19.76 5.71
CA MET A 129 0.53 -19.96 4.23
C MET A 129 -0.84 -19.71 3.60
N LYS A 130 -1.66 -18.90 4.29
CA LYS A 130 -3.00 -18.55 3.74
C LYS A 130 -3.33 -17.13 4.16
N LEU A 131 -3.56 -16.26 3.19
CA LEU A 131 -3.86 -14.87 3.53
C LEU A 131 -5.36 -14.75 3.58
N GLU A 132 -5.94 -14.88 4.77
CA GLU A 132 -7.36 -14.67 4.96
C GLU A 132 -7.55 -13.45 5.83
N GLU A 133 -7.97 -12.35 5.22
CA GLU A 133 -8.18 -11.08 5.91
C GLU A 133 -7.03 -10.71 6.87
N VAL A 134 -5.82 -10.71 6.32
CA VAL A 134 -4.67 -10.41 7.13
C VAL A 134 -4.44 -8.89 7.12
N VAL A 135 -4.46 -8.25 8.30
CA VAL A 135 -4.25 -6.80 8.38
C VAL A 135 -2.75 -6.58 8.66
N VAL A 136 -2.11 -5.67 7.92
CA VAL A 136 -0.70 -5.42 8.09
C VAL A 136 -0.49 -3.92 8.09
N THR A 137 0.25 -3.42 9.08
CA THR A 137 0.67 -2.00 9.04
C THR A 137 2.16 -1.89 8.67
N LEU A 138 2.48 -0.96 7.77
CA LEU A 138 3.84 -0.80 7.28
C LEU A 138 4.28 0.62 7.61
N GLN A 139 5.53 0.80 7.99
CA GLN A 139 6.10 2.17 8.12
C GLN A 139 6.34 2.75 6.74
N LEU A 140 6.09 4.04 6.56
CA LEU A 140 6.37 4.68 5.30
C LEU A 140 7.67 5.43 5.40
N GLY A 141 8.57 5.20 4.45
CA GLY A 141 9.86 5.89 4.44
C GLY A 141 9.79 7.09 3.52
N GLY A 142 10.47 8.17 3.89
CA GLY A 142 10.43 9.42 3.13
C GLY A 142 11.05 9.30 1.76
N ASP A 143 10.57 10.13 0.83
CA ASP A 143 11.06 10.16 -0.56
C ASP A 143 12.47 10.75 -0.60
N LYS A 144 12.58 12.02 -0.24
CA LYS A 144 13.89 12.68 -0.16
C LYS A 144 14.83 11.98 0.84
N GLU A 145 14.30 11.58 2.00
CA GLU A 145 15.12 10.82 2.95
C GLU A 145 14.48 9.47 3.36
N PRO A 146 14.78 8.39 2.59
CA PRO A 146 14.48 6.97 2.82
C PRO A 146 14.54 6.53 4.29
N THR A 147 15.57 6.96 5.01
CA THR A 147 15.76 6.56 6.40
C THR A 147 14.75 7.18 7.35
N GLU A 148 14.04 8.22 6.92
CA GLU A 148 13.10 8.90 7.82
C GLU A 148 11.72 8.33 7.70
N THR A 149 11.11 8.01 8.83
CA THR A 149 9.73 7.54 8.81
C THR A 149 8.79 8.74 8.71
N ILE A 150 7.92 8.73 7.72
CA ILE A 150 7.00 9.86 7.53
C ILE A 150 5.57 9.50 7.94
N GLY A 151 5.32 8.24 8.28
CA GLY A 151 3.95 7.85 8.66
C GLY A 151 3.82 6.36 8.62
N ASP A 152 2.59 5.86 8.70
CA ASP A 152 2.41 4.42 8.52
C ASP A 152 1.14 4.18 7.70
N LEU A 153 1.02 2.96 7.19
CA LEU A 153 -0.04 2.63 6.23
C LEU A 153 -0.59 1.28 6.63
N SER A 154 -1.92 1.19 6.71
CA SER A 154 -2.57 -0.10 7.05
C SER A 154 -3.34 -0.67 5.88
N ILE A 155 -3.20 -1.99 5.65
CA ILE A 155 -3.87 -2.64 4.53
C ILE A 155 -4.40 -4.00 5.03
N CYS A 156 -5.31 -4.58 4.27
CA CYS A 156 -5.82 -5.95 4.57
C CYS A 156 -5.70 -6.81 3.31
N LEU A 157 -5.11 -7.99 3.44
CA LEU A 157 -4.84 -8.84 2.28
C LEU A 157 -5.74 -10.07 2.36
N ASP A 158 -6.32 -10.48 1.22
CA ASP A 158 -7.19 -11.65 1.24
C ASP A 158 -7.15 -12.32 -0.14
N GLY A 159 -7.17 -13.64 -0.17
CA GLY A 159 -7.38 -14.32 -1.43
C GLY A 159 -6.07 -14.84 -2.01
N LEU A 160 -5.20 -15.38 -1.15
CA LEU A 160 -4.00 -16.07 -1.67
C LEU A 160 -3.61 -17.15 -0.71
N GLN A 161 -3.34 -18.35 -1.23
CA GLN A 161 -2.71 -19.32 -0.35
C GLN A 161 -1.68 -20.15 -1.10
N LEU A 162 -0.78 -20.77 -0.34
CA LEU A 162 0.18 -21.67 -0.90
C LEU A 162 0.01 -23.00 -0.22
N GLU A 163 -0.51 -23.96 -1.00
CA GLU A 163 -0.84 -25.36 -0.60
C GLU A 163 -2.28 -25.54 -0.10
CL CL B . 8.16 -7.93 4.08
#